data_5A3T
#
_entry.id   5A3T
#
_cell.length_a   141.852
_cell.length_b   141.852
_cell.length_c   151.509
_cell.angle_alpha   90.00
_cell.angle_beta   90.00
_cell.angle_gamma   120.00
#
_symmetry.space_group_name_H-M   'P 65 2 2'
#
loop_
_entity.id
_entity.type
_entity.pdbx_description
1 polymer 'LYSINE-SPECIFIC DEMETHYLASE 5B'
2 non-polymer 'ZINC ION'
3 non-polymer '4-(2-HYDROXYETHYL)-1-PIPERAZINE ETHANESULFONIC ACID'
4 non-polymer '2-{[(2-{[(E)-2-(dimethylamino)ethenyl](ethyl)amino}-2-oxoethyl)amino]methyl}pyridine-4-carboxylic acid'
5 non-polymer 'NICKEL (II) ION'
6 non-polymer 1,2-ETHANEDIOL
7 non-polymer 'MANGANESE (II) ION'
8 water water
#
_entity_poly.entity_id   1
_entity_poly.type   'polypeptide(L)'
_entity_poly.pdbx_seq_one_letter_code
;SMFLPPPECPVFEPSWEEFADPFAFIHKIRPIAEQTGICKVRPPPDWQPPFACDVDKLHFTPRIQRLNELEAQTRVKLGG
GGARDYTLRTFGEMADAFKSDYFNMPVHMVPTELVEKEFWRLVSTIEEDVTVEYGADIASKEFGSGFPVRDGKIKLSPEE
EEYLDSGWNLNNMPVMEQSVLAHITADICGMKLPWLYVGMCFSSFCWHIEDHWSYSINYLHWGEPKTWYGVPGYAAEQLE
NVMKKLAPELFVSQPDLLHQLVTIMNPNTLMTHEVPVYRTNQCAGEFVITFPRAYHSGFNQGFNFAEAVNFCTVDWLPLG
RQCVEHYRLLHRYCVFSHDEMICKMASKADVLDVVVASTVQKDMAIMIEDEKALRETVRKLGVIDSERMDFELLPDDERQ
CVKCKTTCFMSAISCSCKPGLLVCLHHVKELCSCPPYKYKLRYRYTLDDLYPMMNALKLRAESYNEWALNVNEALEAKIN
K
;
_entity_poly.pdbx_strand_id   A
#
# COMPACT_ATOMS: atom_id res chain seq x y z
N SER A 1 31.37 -1.91 -10.89
CA SER A 1 31.73 -0.79 -11.76
C SER A 1 30.53 -0.35 -12.57
N MET A 2 29.91 -1.28 -13.29
CA MET A 2 28.71 -0.96 -14.01
C MET A 2 27.54 -1.03 -13.01
N PHE A 3 27.34 -2.13 -12.31
CA PHE A 3 26.33 -2.22 -11.23
C PHE A 3 26.90 -2.82 -9.96
N LEU A 4 26.78 -2.12 -8.83
CA LEU A 4 27.21 -2.65 -7.55
C LEU A 4 25.99 -3.07 -6.74
N PRO A 5 25.82 -4.39 -6.49
CA PRO A 5 24.60 -4.80 -5.78
C PRO A 5 24.51 -4.20 -4.39
N PRO A 6 23.35 -3.61 -4.03
CA PRO A 6 23.16 -3.19 -2.64
C PRO A 6 23.33 -4.33 -1.66
N PRO A 7 23.56 -4.03 -0.37
CA PRO A 7 23.63 -5.11 0.60
C PRO A 7 22.31 -5.85 0.73
N GLU A 8 22.41 -7.10 1.19
CA GLU A 8 21.24 -7.96 1.36
C GLU A 8 20.34 -7.46 2.51
N CYS A 9 19.03 -7.53 2.32
CA CYS A 9 18.10 -7.20 3.41
C CYS A 9 18.09 -8.38 4.41
N PRO A 10 17.54 -8.19 5.62
CA PRO A 10 17.43 -9.30 6.59
C PRO A 10 16.55 -10.44 6.10
N VAL A 11 16.91 -11.67 6.48
CA VAL A 11 16.13 -12.86 6.17
C VAL A 11 15.81 -13.54 7.47
N PHE A 12 14.55 -13.88 7.68
CA PHE A 12 14.09 -14.49 8.91
C PHE A 12 13.60 -15.88 8.58
N GLU A 13 13.89 -16.82 9.48
CA GLU A 13 13.43 -18.20 9.35
C GLU A 13 12.74 -18.57 10.65
N PRO A 14 11.47 -18.13 10.83
CA PRO A 14 10.77 -18.41 12.09
C PRO A 14 10.48 -19.89 12.30
N SER A 15 10.54 -20.32 13.57
CA SER A 15 10.03 -21.64 13.96
C SER A 15 8.53 -21.65 13.76
N TRP A 16 7.94 -22.84 13.82
CA TRP A 16 6.49 -22.95 13.69
C TRP A 16 5.74 -22.15 14.76
N GLU A 17 6.29 -22.11 15.98
CA GLU A 17 5.67 -21.34 17.07
C GLU A 17 5.70 -19.84 16.79
N GLU A 18 6.85 -19.36 16.33
CA GLU A 18 7.03 -17.95 15.93
C GLU A 18 6.15 -17.58 14.75
N PHE A 19 6.01 -18.51 13.81
CA PHE A 19 5.28 -18.28 12.56
C PHE A 19 3.76 -18.26 12.73
N ALA A 20 3.25 -19.12 13.62
CA ALA A 20 1.81 -19.28 13.85
C ALA A 20 1.05 -17.95 13.88
N ASP A 21 1.57 -16.98 14.62
CA ASP A 21 0.94 -15.65 14.75
C ASP A 21 1.73 -14.58 13.97
N PRO A 22 1.22 -14.17 12.80
CA PRO A 22 1.95 -13.21 11.96
C PRO A 22 2.12 -11.82 12.60
N PHE A 23 1.11 -11.37 13.36
CA PHE A 23 1.17 -10.05 13.98
C PHE A 23 2.24 -9.99 15.05
N ALA A 24 2.29 -11.01 15.90
CA ALA A 24 3.33 -11.12 16.90
C ALA A 24 4.72 -11.17 16.23
N PHE A 25 4.83 -11.95 15.16
CA PHE A 25 6.12 -12.14 14.48
C PHE A 25 6.58 -10.82 13.85
N ILE A 26 5.68 -10.13 13.16
CA ILE A 26 6.00 -8.87 12.49
C ILE A 26 6.37 -7.77 13.50
N HIS A 27 5.71 -7.76 14.65
CA HIS A 27 6.06 -6.86 15.75
C HIS A 27 7.44 -7.16 16.30
N LYS A 28 7.77 -8.45 16.47
CA LYS A 28 9.07 -8.86 16.96
C LYS A 28 10.25 -8.45 16.06
N ILE A 29 10.09 -8.60 14.74
CA ILE A 29 11.16 -8.25 13.79
C ILE A 29 11.30 -6.76 13.47
N ARG A 30 10.28 -5.98 13.84
CA ARG A 30 10.21 -4.55 13.51
C ARG A 30 11.50 -3.76 13.80
N PRO A 31 12.11 -3.94 14.99
CA PRO A 31 13.33 -3.19 15.29
C PRO A 31 14.44 -3.36 14.24
N ILE A 32 14.59 -4.58 13.72
CA ILE A 32 15.58 -4.88 12.67
C ILE A 32 15.06 -4.42 11.30
N ALA A 33 13.89 -4.93 10.92
CA ALA A 33 13.37 -4.73 9.56
C ALA A 33 13.01 -3.30 9.21
N GLU A 34 12.59 -2.50 10.19
CA GLU A 34 12.25 -1.11 9.89
C GLU A 34 13.47 -0.29 9.49
N GLN A 35 14.66 -0.72 9.92
CA GLN A 35 15.93 -0.12 9.49
C GLN A 35 16.31 -0.44 8.03
N THR A 36 15.69 -1.44 7.43
CA THR A 36 15.96 -1.79 6.03
C THR A 36 14.80 -1.62 5.07
N GLY A 37 13.60 -1.37 5.57
CA GLY A 37 12.43 -1.13 4.73
C GLY A 37 11.74 -2.41 4.30
N ILE A 38 12.52 -3.35 3.75
CA ILE A 38 12.01 -4.65 3.37
C ILE A 38 12.75 -5.75 4.15
N CYS A 39 12.08 -6.88 4.27
CA CYS A 39 12.72 -8.11 4.77
C CYS A 39 12.07 -9.30 4.12
N LYS A 40 12.76 -10.42 4.18
CA LYS A 40 12.29 -11.67 3.62
C LYS A 40 12.01 -12.65 4.76
N VAL A 41 10.93 -13.40 4.62
CA VAL A 41 10.52 -14.40 5.61
C VAL A 41 10.40 -15.74 4.92
N ARG A 42 11.21 -16.71 5.37
CA ARG A 42 11.11 -18.08 4.88
C ARG A 42 10.23 -18.85 5.85
N PRO A 43 9.06 -19.32 5.41
CA PRO A 43 8.23 -20.10 6.30
C PRO A 43 8.88 -21.43 6.72
N PRO A 44 8.41 -22.04 7.83
CA PRO A 44 8.87 -23.39 8.19
C PRO A 44 8.78 -24.36 7.00
N PRO A 45 9.70 -25.34 6.91
CA PRO A 45 9.81 -26.16 5.68
C PRO A 45 8.53 -26.91 5.27
N ASP A 46 7.75 -27.34 6.23
CA ASP A 46 6.48 -28.06 5.95
C ASP A 46 5.27 -27.15 5.64
N TRP A 47 5.39 -25.82 5.80
CA TRP A 47 4.30 -24.90 5.42
C TRP A 47 4.32 -24.77 3.91
N GLN A 48 3.44 -25.50 3.25
CA GLN A 48 3.42 -25.58 1.78
C GLN A 48 2.00 -25.53 1.25
N PRO A 49 1.46 -24.29 1.10
CA PRO A 49 0.09 -24.18 0.61
C PRO A 49 0.03 -24.61 -0.85
N PRO A 50 -1.01 -25.39 -1.23
CA PRO A 50 -1.12 -25.82 -2.62
C PRO A 50 -1.75 -24.73 -3.46
N PHE A 51 -1.29 -24.61 -4.71
CA PHE A 51 -1.72 -23.51 -5.59
C PHE A 51 -3.04 -23.82 -6.34
N ALA A 52 -4.01 -22.89 -6.29
CA ALA A 52 -5.36 -23.06 -6.91
C ALA A 52 -5.83 -21.87 -7.79
N CYS A 53 -5.77 -22.02 -9.12
CA CYS A 53 -6.26 -21.00 -10.11
C CYS A 53 -6.71 -21.59 -11.49
N ASP A 54 -5.77 -22.13 -12.29
CA ASP A 54 -5.99 -22.81 -13.63
C ASP A 54 -5.39 -22.07 -14.84
N VAL A 55 -4.65 -22.80 -15.68
CA VAL A 55 -3.79 -22.19 -16.74
C VAL A 55 -4.45 -21.88 -18.09
N ASP A 56 -5.64 -22.44 -18.36
CA ASP A 56 -6.33 -22.22 -19.63
C ASP A 56 -7.60 -21.36 -19.55
N LYS A 57 -8.22 -21.29 -18.38
CA LYS A 57 -9.56 -20.69 -18.25
C LYS A 57 -9.59 -19.27 -17.69
N LEU A 58 -8.50 -18.83 -17.06
CA LEU A 58 -8.40 -17.46 -16.56
C LEU A 58 -7.57 -16.58 -17.50
N HIS A 59 -8.16 -15.46 -17.92
CA HIS A 59 -7.57 -14.54 -18.89
C HIS A 59 -7.14 -13.23 -18.22
N PHE A 60 -6.14 -12.57 -18.81
CA PHE A 60 -5.78 -11.20 -18.43
C PHE A 60 -5.10 -10.49 -19.58
N THR A 61 -5.14 -9.15 -19.53
CA THR A 61 -4.49 -8.30 -20.52
C THR A 61 -3.37 -7.55 -19.78
N PRO A 62 -2.11 -7.88 -20.07
CA PRO A 62 -1.02 -7.29 -19.30
C PRO A 62 -0.69 -5.90 -19.81
N ARG A 63 -0.01 -5.12 -18.99
CA ARG A 63 0.48 -3.82 -19.43
C ARG A 63 1.80 -3.97 -20.18
N ILE A 64 2.02 -3.10 -21.17
CA ILE A 64 3.24 -3.05 -21.96
C ILE A 64 4.19 -2.14 -21.20
N GLN A 65 5.42 -2.58 -20.99
CA GLN A 65 6.40 -1.76 -20.28
C GLN A 65 7.58 -1.51 -21.18
N ARG A 66 7.92 -0.23 -21.31
CA ARG A 66 9.13 0.21 -22.00
C ARG A 66 10.16 0.39 -20.91
N LEU A 67 11.29 -0.28 -21.05
CA LEU A 67 12.24 -0.33 -19.96
C LEU A 67 13.24 0.80 -20.05
N ASN A 68 12.82 2.00 -19.67
CA ASN A 68 13.67 3.20 -19.72
C ASN A 68 13.78 3.83 -18.35
N GLU A 69 15.00 3.94 -17.85
CA GLU A 69 15.22 4.55 -16.55
C GLU A 69 14.78 6.01 -16.54
N LEU A 70 14.18 6.42 -15.42
CA LEU A 70 13.70 7.79 -15.18
C LEU A 70 12.52 8.24 -16.03
N GLU A 71 11.99 7.37 -16.90
CA GLU A 71 10.82 7.70 -17.70
C GLU A 71 9.57 7.52 -16.85
N ALA A 72 8.66 8.50 -16.93
CA ALA A 72 7.40 8.45 -16.19
C ALA A 72 6.51 7.31 -16.69
N GLN A 73 5.94 6.58 -15.74
CA GLN A 73 4.94 5.55 -15.99
C GLN A 73 3.78 5.77 -15.02
N THR A 74 2.57 5.42 -15.42
CA THR A 74 1.43 5.52 -14.51
C THR A 74 1.50 4.29 -13.61
N ARG A 75 1.17 4.48 -12.33
CA ARG A 75 1.30 3.39 -11.36
C ARG A 75 0.36 2.19 -11.64
N VAL A 76 -0.89 2.48 -12.04
CA VAL A 76 -1.84 1.45 -12.48
C VAL A 76 -2.27 1.74 -13.94
N LYS A 77 -2.49 0.70 -14.73
CA LYS A 77 -2.79 0.83 -16.16
C LYS A 77 -4.20 1.40 -16.38
N ARG A 84 -3.29 -6.82 -25.75
CA ARG A 84 -3.38 -8.24 -26.10
C ARG A 84 -3.75 -9.12 -24.90
N ASP A 85 -4.59 -10.13 -25.13
CA ASP A 85 -5.11 -11.00 -24.07
C ASP A 85 -4.34 -12.33 -23.97
N TYR A 86 -4.04 -12.76 -22.74
CA TYR A 86 -3.33 -14.03 -22.50
C TYR A 86 -4.04 -14.88 -21.46
N THR A 87 -3.86 -16.20 -21.54
CA THR A 87 -4.06 -17.08 -20.39
C THR A 87 -2.72 -17.23 -19.68
N LEU A 88 -2.72 -17.77 -18.47
CA LEU A 88 -1.44 -18.13 -17.82
C LEU A 88 -0.57 -18.98 -18.73
N ARG A 89 -1.18 -19.96 -19.42
CA ARG A 89 -0.40 -20.82 -20.32
C ARG A 89 0.27 -20.05 -21.44
N THR A 90 -0.51 -19.22 -22.14
CA THR A 90 0.02 -18.48 -23.29
C THR A 90 1.00 -17.39 -22.84
N PHE A 91 0.77 -16.80 -21.67
CA PHE A 91 1.70 -15.82 -21.12
C PHE A 91 3.03 -16.50 -20.79
N GLY A 92 2.98 -17.65 -20.13
CA GLY A 92 4.14 -18.42 -19.80
C GLY A 92 4.95 -18.82 -21.03
N GLU A 93 4.26 -19.24 -22.11
CA GLU A 93 4.94 -19.59 -23.37
C GLU A 93 5.67 -18.38 -23.94
N MET A 94 5.00 -17.24 -23.98
CA MET A 94 5.62 -15.98 -24.44
C MET A 94 6.81 -15.62 -23.56
N ALA A 95 6.64 -15.68 -22.24
CA ALA A 95 7.67 -15.25 -21.28
C ALA A 95 8.94 -16.12 -21.37
N ASP A 96 8.74 -17.43 -21.43
CA ASP A 96 9.85 -18.36 -21.53
C ASP A 96 10.63 -18.21 -22.84
N ALA A 97 9.92 -18.06 -23.95
CA ALA A 97 10.54 -17.84 -25.26
C ALA A 97 11.30 -16.50 -25.27
N PHE A 98 10.71 -15.46 -24.69
CA PHE A 98 11.39 -14.17 -24.60
C PHE A 98 12.74 -14.28 -23.91
N LYS A 99 12.76 -14.90 -22.73
CA LYS A 99 13.96 -14.97 -21.93
C LYS A 99 15.01 -15.89 -22.58
N SER A 100 14.52 -17.03 -23.09
CA SER A 100 15.38 -17.98 -23.78
C SER A 100 16.07 -17.35 -25.01
N ASP A 101 15.29 -16.64 -25.81
CA ASP A 101 15.83 -15.95 -26.99
C ASP A 101 16.72 -14.78 -26.63
N TYR A 102 16.43 -14.10 -25.53
CA TYR A 102 17.20 -12.94 -25.13
C TYR A 102 18.64 -13.27 -24.82
N PHE A 103 18.85 -14.36 -24.10
CA PHE A 103 20.17 -14.75 -23.64
C PHE A 103 20.75 -15.89 -24.47
N ASN A 104 19.95 -16.45 -25.38
CA ASN A 104 20.30 -17.70 -26.08
C ASN A 104 20.76 -18.81 -25.13
N MET A 105 19.95 -19.03 -24.09
CA MET A 105 20.24 -20.02 -23.07
C MET A 105 18.94 -20.69 -22.67
N PRO A 106 19.03 -21.85 -21.99
CA PRO A 106 17.89 -22.34 -21.18
C PRO A 106 17.60 -21.45 -19.96
N VAL A 107 16.34 -21.32 -19.50
CA VAL A 107 15.98 -20.29 -18.48
C VAL A 107 16.62 -20.47 -17.07
N HIS A 108 16.72 -21.72 -16.63
CA HIS A 108 17.31 -22.05 -15.32
C HIS A 108 18.81 -22.01 -15.25
N MET A 109 19.43 -21.79 -16.41
CA MET A 109 20.83 -21.61 -16.49
C MET A 109 21.24 -20.16 -16.46
N VAL A 110 20.30 -19.23 -16.69
CA VAL A 110 20.67 -17.80 -16.67
C VAL A 110 20.85 -17.35 -15.21
N PRO A 111 22.10 -17.04 -14.80
CA PRO A 111 22.32 -16.61 -13.41
C PRO A 111 21.54 -15.35 -13.03
N THR A 112 21.08 -15.30 -11.78
CA THR A 112 20.26 -14.16 -11.30
C THR A 112 21.08 -12.86 -11.29
N GLU A 113 22.36 -12.98 -10.95
CA GLU A 113 23.31 -11.87 -10.97
C GLU A 113 23.43 -11.25 -12.36
N LEU A 114 23.39 -12.10 -13.38
CA LEU A 114 23.48 -11.63 -14.77
C LEU A 114 22.21 -10.93 -15.20
N VAL A 115 21.06 -11.51 -14.88
CA VAL A 115 19.78 -10.87 -15.23
C VAL A 115 19.72 -9.48 -14.57
N GLU A 116 20.15 -9.39 -13.32
CA GLU A 116 20.17 -8.10 -12.61
C GLU A 116 21.10 -7.09 -13.28
N LYS A 117 22.34 -7.49 -13.56
CA LYS A 117 23.25 -6.60 -14.30
C LYS A 117 22.67 -6.14 -15.61
N GLU A 118 22.08 -7.08 -16.35
CA GLU A 118 21.52 -6.80 -17.65
C GLU A 118 20.30 -5.88 -17.59
N PHE A 119 19.45 -6.05 -16.57
CA PHE A 119 18.31 -5.17 -16.36
C PHE A 119 18.79 -3.73 -16.23
N TRP A 120 19.78 -3.51 -15.37
CA TRP A 120 20.28 -2.16 -15.15
C TRP A 120 21.02 -1.55 -16.36
N ARG A 121 21.71 -2.39 -17.13
CA ARG A 121 22.34 -1.95 -18.38
C ARG A 121 21.24 -1.56 -19.35
N LEU A 122 20.29 -2.47 -19.51
CA LEU A 122 19.19 -2.29 -20.41
C LEU A 122 18.38 -1.03 -20.14
N VAL A 123 18.01 -0.75 -18.89
CA VAL A 123 17.23 0.47 -18.62
C VAL A 123 18.01 1.79 -18.82
N SER A 124 19.35 1.71 -18.73
CA SER A 124 20.28 2.85 -18.90
C SER A 124 20.58 3.26 -20.32
N THR A 125 20.38 2.37 -21.28
CA THR A 125 20.87 2.56 -22.62
C THR A 125 19.75 3.06 -23.54
N ILE A 126 19.89 4.29 -24.02
CA ILE A 126 18.90 4.91 -24.91
C ILE A 126 18.66 4.06 -26.18
N GLU A 127 19.73 3.45 -26.68
CA GLU A 127 19.73 2.77 -27.98
C GLU A 127 19.00 1.41 -27.96
N GLU A 128 18.88 0.82 -26.77
CA GLU A 128 18.05 -0.37 -26.57
C GLU A 128 16.60 0.07 -26.45
N ASP A 129 15.67 -0.63 -27.10
CA ASP A 129 14.22 -0.34 -26.92
C ASP A 129 13.44 -1.62 -26.57
N VAL A 130 13.90 -2.29 -25.51
CA VAL A 130 13.29 -3.55 -25.06
C VAL A 130 11.97 -3.25 -24.36
N THR A 131 10.93 -3.96 -24.81
CA THR A 131 9.63 -3.89 -24.17
C THR A 131 9.18 -5.29 -23.71
N VAL A 132 8.55 -5.32 -22.54
CA VAL A 132 8.03 -6.55 -21.96
C VAL A 132 6.57 -6.30 -21.55
N GLU A 133 5.92 -7.36 -21.07
CA GLU A 133 4.52 -7.29 -20.63
C GLU A 133 4.44 -7.80 -19.21
N TYR A 134 3.57 -7.19 -18.40
CA TYR A 134 3.42 -7.54 -17.00
C TYR A 134 1.94 -7.63 -16.63
N GLY A 135 1.50 -8.78 -16.12
CA GLY A 135 0.15 -8.93 -15.60
C GLY A 135 0.10 -8.41 -14.17
N ALA A 136 0.06 -7.08 -14.03
CA ALA A 136 0.21 -6.44 -12.73
C ALA A 136 -1.12 -5.96 -12.20
N ASP A 137 -1.26 -5.97 -10.87
CA ASP A 137 -2.44 -5.39 -10.20
C ASP A 137 -3.73 -6.05 -10.69
N ILE A 138 -3.70 -7.38 -10.77
CA ILE A 138 -4.89 -8.15 -11.14
C ILE A 138 -5.68 -8.38 -9.85
N ALA A 139 -6.96 -8.01 -9.84
CA ALA A 139 -7.79 -8.17 -8.65
C ALA A 139 -8.07 -9.64 -8.38
N SER A 140 -7.84 -10.08 -7.14
CA SER A 140 -8.22 -11.44 -6.74
C SER A 140 -9.74 -11.68 -6.80
N LYS A 141 -10.52 -10.61 -6.72
CA LYS A 141 -11.98 -10.64 -6.96
C LYS A 141 -12.36 -11.43 -8.21
N GLU A 142 -11.80 -11.01 -9.36
CA GLU A 142 -12.12 -11.61 -10.65
C GLU A 142 -11.29 -12.87 -10.98
N PHE A 143 -9.97 -12.77 -10.82
CA PHE A 143 -9.04 -13.84 -11.22
C PHE A 143 -8.97 -14.99 -10.19
N GLY A 144 -9.35 -14.71 -8.94
CA GLY A 144 -9.20 -15.66 -7.83
C GLY A 144 -7.82 -15.59 -7.17
N SER A 145 -7.75 -16.02 -5.92
CA SER A 145 -6.50 -16.02 -5.15
C SER A 145 -5.63 -17.25 -5.44
N GLY A 146 -4.31 -17.11 -5.31
CA GLY A 146 -3.42 -18.27 -5.28
C GLY A 146 -3.56 -19.12 -4.02
N PHE A 147 -4.13 -18.54 -2.95
CA PHE A 147 -4.36 -19.29 -1.71
C PHE A 147 -5.79 -19.87 -1.69
N PRO A 148 -6.01 -20.92 -0.89
CA PRO A 148 -7.38 -21.45 -0.77
C PRO A 148 -8.34 -20.47 -0.10
N VAL A 149 -9.57 -20.40 -0.61
CA VAL A 149 -10.66 -19.61 -0.01
C VAL A 149 -11.94 -20.46 0.05
N ARG A 150 -12.80 -20.18 1.03
CA ARG A 150 -14.13 -20.84 1.08
C ARG A 150 -14.99 -20.37 -0.10
N ASP A 151 -15.56 -21.32 -0.85
CA ASP A 151 -16.17 -21.04 -2.15
C ASP A 151 -17.42 -20.17 -2.02
N ILE A 154 -16.57 -25.24 -5.54
CA ILE A 154 -15.43 -26.15 -5.63
C ILE A 154 -15.17 -26.82 -4.26
N LYS A 155 -15.15 -28.15 -4.26
CA LYS A 155 -14.84 -28.95 -3.07
C LYS A 155 -13.32 -28.97 -2.89
N LEU A 156 -12.85 -28.53 -1.73
CA LEU A 156 -11.42 -28.41 -1.47
C LEU A 156 -10.86 -29.72 -0.91
N SER A 157 -9.62 -30.03 -1.27
CA SER A 157 -8.92 -31.19 -0.72
C SER A 157 -8.59 -30.95 0.76
N PRO A 158 -8.32 -32.03 1.53
CA PRO A 158 -7.84 -31.83 2.92
C PRO A 158 -6.60 -30.94 3.00
N GLU A 159 -5.67 -31.15 2.06
CA GLU A 159 -4.44 -30.35 1.95
C GLU A 159 -4.76 -28.84 1.82
N GLU A 160 -5.66 -28.51 0.89
CA GLU A 160 -6.15 -27.12 0.73
C GLU A 160 -6.82 -26.59 2.01
N GLU A 161 -7.66 -27.40 2.64
CA GLU A 161 -8.37 -27.01 3.86
C GLU A 161 -7.46 -26.64 5.03
N GLU A 162 -6.29 -27.29 5.15
CA GLU A 162 -5.30 -26.92 6.18
C GLU A 162 -4.93 -25.43 6.15
N TYR A 163 -4.96 -24.81 4.96
CA TYR A 163 -4.49 -23.42 4.78
C TYR A 163 -5.58 -22.36 4.71
N LEU A 164 -6.85 -22.76 4.79
CA LEU A 164 -7.98 -21.81 4.76
C LEU A 164 -7.89 -20.78 5.86
N ASP A 165 -7.48 -21.21 7.05
CA ASP A 165 -7.46 -20.36 8.24
C ASP A 165 -6.06 -19.92 8.63
N SER A 166 -5.07 -20.13 7.76
CA SER A 166 -3.71 -19.77 8.10
C SER A 166 -3.62 -18.24 8.30
N GLY A 167 -2.88 -17.83 9.30
CA GLY A 167 -2.53 -16.42 9.48
C GLY A 167 -1.71 -15.81 8.34
N TRP A 168 -1.04 -16.64 7.53
CA TRP A 168 -0.24 -16.16 6.38
C TRP A 168 -0.92 -16.43 5.02
N ASN A 169 -2.15 -16.93 5.04
CA ASN A 169 -3.01 -16.87 3.90
C ASN A 169 -3.40 -15.39 3.77
N LEU A 170 -3.02 -14.77 2.65
CA LEU A 170 -3.16 -13.33 2.48
C LEU A 170 -4.62 -12.86 2.44
N ASN A 171 -5.54 -13.77 2.15
CA ASN A 171 -6.97 -13.46 2.26
C ASN A 171 -7.44 -13.17 3.68
N ASN A 172 -6.80 -13.80 4.66
CA ASN A 172 -7.18 -13.70 6.07
C ASN A 172 -6.56 -12.55 6.83
N MET A 173 -5.37 -12.12 6.41
CA MET A 173 -4.58 -11.18 7.20
C MET A 173 -5.33 -9.87 7.48
N PRO A 174 -6.03 -9.32 6.47
CA PRO A 174 -6.81 -8.09 6.66
C PRO A 174 -8.02 -8.16 7.61
N VAL A 175 -8.54 -9.36 7.86
CA VAL A 175 -9.76 -9.56 8.67
C VAL A 175 -9.47 -10.22 10.01
N MET A 176 -8.22 -10.50 10.32
CA MET A 176 -7.90 -11.00 11.64
C MET A 176 -8.05 -9.90 12.69
N GLU A 177 -8.27 -10.28 13.94
CA GLU A 177 -8.61 -9.30 15.00
C GLU A 177 -7.55 -8.22 15.18
N GLN A 178 -6.28 -8.59 15.06
CA GLN A 178 -5.18 -7.63 15.22
C GLN A 178 -4.98 -6.68 14.02
N SER A 179 -5.69 -6.92 12.91
CA SER A 179 -5.74 -5.97 11.81
C SER A 179 -6.65 -4.80 12.21
N VAL A 180 -6.17 -3.57 12.06
CA VAL A 180 -6.98 -2.39 12.39
C VAL A 180 -8.07 -2.11 11.36
N LEU A 181 -8.04 -2.80 10.21
CA LEU A 181 -9.14 -2.75 9.24
C LEU A 181 -10.17 -3.88 9.39
N ALA A 182 -10.02 -4.76 10.38
CA ALA A 182 -10.93 -5.92 10.55
C ALA A 182 -12.43 -5.59 10.67
N HIS A 183 -12.75 -4.45 11.30
CA HIS A 183 -14.15 -4.07 11.57
C HIS A 183 -14.56 -2.90 10.66
N ILE A 184 -13.75 -2.62 9.64
CA ILE A 184 -14.01 -1.56 8.65
C ILE A 184 -14.69 -2.13 7.41
N THR A 185 -15.81 -1.50 7.01
CA THR A 185 -16.75 -2.07 6.03
C THR A 185 -16.80 -1.36 4.68
N ALA A 186 -16.38 -0.09 4.61
CA ALA A 186 -16.20 0.58 3.30
C ALA A 186 -15.19 -0.22 2.46
N ASP A 187 -15.38 -0.26 1.13
CA ASP A 187 -14.59 -1.15 0.25
C ASP A 187 -13.13 -0.70 -0.04
N ILE A 188 -12.78 0.52 0.36
CA ILE A 188 -11.40 1.06 0.39
C ILE A 188 -10.45 0.69 -0.78
N CYS A 189 -10.98 0.71 -2.01
CA CYS A 189 -10.19 0.50 -3.25
C CYS A 189 -9.35 -0.80 -3.33
N GLY A 190 -9.69 -1.82 -2.56
CA GLY A 190 -8.94 -3.08 -2.55
C GLY A 190 -7.83 -3.23 -1.51
N MET A 191 -7.79 -2.37 -0.50
CA MET A 191 -6.84 -2.52 0.59
C MET A 191 -7.03 -3.71 1.55
N LYS A 192 -8.16 -4.41 1.46
CA LYS A 192 -8.38 -5.63 2.24
C LYS A 192 -8.38 -6.91 1.37
N LEU A 193 -8.25 -6.77 0.05
CA LEU A 193 -8.27 -7.90 -0.88
C LEU A 193 -6.88 -8.06 -1.52
N PRO A 194 -6.42 -9.31 -1.68
CA PRO A 194 -5.15 -9.51 -2.42
C PRO A 194 -5.17 -9.15 -3.91
N TRP A 195 -3.98 -8.85 -4.42
CA TRP A 195 -3.75 -8.51 -5.80
C TRP A 195 -2.67 -9.45 -6.36
N LEU A 196 -2.80 -9.83 -7.62
CA LEU A 196 -1.90 -10.78 -8.27
C LEU A 196 -0.96 -10.10 -9.25
N TYR A 197 0.23 -10.71 -9.42
CA TYR A 197 1.29 -10.17 -10.30
C TYR A 197 1.88 -11.33 -11.08
N VAL A 198 1.62 -11.36 -12.38
CA VAL A 198 2.11 -12.42 -13.26
C VAL A 198 3.29 -11.89 -14.05
N GLY A 199 4.49 -12.34 -13.70
CA GLY A 199 5.73 -11.73 -14.18
C GLY A 199 6.39 -12.47 -15.33
N MET A 200 7.24 -11.75 -16.05
CA MET A 200 8.19 -12.35 -17.00
C MET A 200 9.54 -11.67 -16.79
N CYS A 201 10.59 -12.21 -17.42
CA CYS A 201 11.93 -11.63 -17.31
C CYS A 201 11.92 -10.12 -17.65
N PHE A 202 12.44 -9.32 -16.71
CA PHE A 202 12.57 -7.85 -16.82
C PHE A 202 11.28 -7.04 -16.55
N SER A 203 10.12 -7.68 -16.39
CA SER A 203 8.92 -6.93 -16.00
C SER A 203 9.19 -6.32 -14.64
N SER A 204 8.73 -5.10 -14.41
CA SER A 204 9.25 -4.35 -13.27
C SER A 204 8.17 -3.62 -12.51
N PHE A 205 8.48 -3.36 -11.25
CA PHE A 205 7.65 -2.49 -10.42
C PHE A 205 8.51 -1.28 -10.05
N CYS A 206 7.99 -0.10 -10.40
CA CYS A 206 8.67 1.16 -10.13
C CYS A 206 8.74 1.49 -8.65
N TRP A 207 9.57 2.47 -8.31
CA TRP A 207 9.73 2.94 -6.96
C TRP A 207 8.40 3.51 -6.42
N HIS A 208 7.98 3.03 -5.27
CA HIS A 208 6.72 3.49 -4.67
C HIS A 208 6.65 3.11 -3.21
N ILE A 209 5.68 3.72 -2.54
CA ILE A 209 5.25 3.34 -1.21
C ILE A 209 3.76 3.01 -1.28
N GLU A 210 3.25 2.34 -0.26
CA GLU A 210 1.88 1.86 -0.29
C GLU A 210 0.92 2.95 0.16
N ASP A 211 -0.33 2.77 -0.22
CA ASP A 211 -1.41 3.68 0.17
C ASP A 211 -1.48 3.81 1.68
N HIS A 212 -1.55 5.06 2.14
CA HIS A 212 -1.63 5.39 3.57
C HIS A 212 -0.45 4.92 4.40
N TRP A 213 0.68 4.73 3.73
CA TRP A 213 1.90 4.22 4.36
C TRP A 213 1.69 2.86 5.04
N SER A 214 0.84 2.03 4.47
CA SER A 214 0.57 0.73 5.07
C SER A 214 1.78 -0.20 4.89
N TYR A 215 1.77 -1.31 5.62
CA TYR A 215 2.65 -2.45 5.28
C TYR A 215 2.15 -3.09 4.00
N SER A 216 3.00 -3.88 3.34
CA SER A 216 2.50 -4.88 2.40
C SER A 216 3.19 -6.24 2.68
N ILE A 217 2.46 -7.30 2.40
CA ILE A 217 2.93 -8.68 2.51
C ILE A 217 2.82 -9.23 1.11
N ASN A 218 3.90 -9.85 0.63
CA ASN A 218 4.05 -10.25 -0.74
C ASN A 218 4.54 -11.70 -0.76
N TYR A 219 3.81 -12.58 -1.41
CA TYR A 219 4.14 -14.01 -1.45
C TYR A 219 4.35 -14.42 -2.89
N LEU A 220 5.49 -15.07 -3.16
CA LEU A 220 5.74 -15.61 -4.49
C LEU A 220 5.33 -17.07 -4.50
N HIS A 221 4.21 -17.37 -5.19
CA HIS A 221 3.62 -18.71 -5.18
C HIS A 221 4.48 -19.72 -5.93
N TRP A 222 4.95 -19.32 -7.11
CA TRP A 222 5.77 -20.19 -7.93
C TRP A 222 6.50 -19.40 -8.99
N GLY A 223 7.48 -20.08 -9.61
CA GLY A 223 8.23 -19.55 -10.74
C GLY A 223 9.59 -19.02 -10.36
N GLU A 224 10.19 -18.29 -11.30
CA GLU A 224 11.51 -17.71 -11.09
C GLU A 224 11.50 -16.52 -10.14
N PRO A 225 12.67 -16.17 -9.57
CA PRO A 225 12.63 -15.20 -8.48
C PRO A 225 12.17 -13.78 -8.85
N LYS A 226 11.81 -13.04 -7.81
CA LYS A 226 11.48 -11.62 -7.89
C LYS A 226 12.60 -10.89 -7.16
N THR A 227 13.26 -9.97 -7.85
CA THR A 227 14.34 -9.21 -7.29
C THR A 227 13.80 -7.90 -6.74
N TRP A 228 14.15 -7.60 -5.49
CA TRP A 228 13.67 -6.41 -4.79
C TRP A 228 14.78 -5.47 -4.38
N TYR A 229 14.44 -4.17 -4.36
CA TYR A 229 15.21 -3.12 -3.70
C TYR A 229 14.30 -2.40 -2.75
N GLY A 230 14.84 -2.06 -1.58
CA GLY A 230 14.07 -1.47 -0.50
C GLY A 230 14.87 -0.41 0.23
N VAL A 231 14.15 0.61 0.71
CA VAL A 231 14.71 1.73 1.42
C VAL A 231 13.90 1.91 2.74
N PRO A 232 14.58 2.11 3.87
CA PRO A 232 13.82 2.23 5.12
C PRO A 232 12.90 3.47 5.17
N GLY A 233 11.85 3.37 5.97
CA GLY A 233 10.91 4.47 6.13
C GLY A 233 11.56 5.79 6.50
N TYR A 234 12.57 5.75 7.37
CA TYR A 234 13.25 6.98 7.80
C TYR A 234 13.89 7.77 6.67
N ALA A 235 14.22 7.10 5.55
CA ALA A 235 14.90 7.75 4.43
C ALA A 235 13.96 8.12 3.29
N ALA A 236 12.65 8.04 3.50
CA ALA A 236 11.71 8.30 2.40
C ALA A 236 11.87 9.68 1.76
N GLU A 237 11.98 10.73 2.56
CA GLU A 237 12.10 12.08 2.03
C GLU A 237 13.45 12.33 1.36
N GLN A 238 14.52 11.71 1.87
CA GLN A 238 15.82 11.69 1.18
C GLN A 238 15.67 11.18 -0.25
N LEU A 239 15.04 10.02 -0.38
CA LEU A 239 14.83 9.40 -1.69
C LEU A 239 14.03 10.33 -2.59
N GLU A 240 12.97 10.92 -2.05
CA GLU A 240 12.13 11.80 -2.84
C GLU A 240 12.89 13.06 -3.33
N ASN A 241 13.74 13.62 -2.48
CA ASN A 241 14.61 14.75 -2.89
C ASN A 241 15.56 14.37 -4.03
N VAL A 242 16.13 13.17 -3.97
CA VAL A 242 17.00 12.69 -5.04
C VAL A 242 16.21 12.55 -6.34
N MET A 243 15.03 11.94 -6.24
CA MET A 243 14.21 11.74 -7.42
C MET A 243 13.65 13.04 -8.01
N LYS A 244 13.29 13.99 -7.15
CA LYS A 244 12.79 15.28 -7.61
C LYS A 244 13.85 16.05 -8.41
N LYS A 245 15.10 15.98 -7.97
CA LYS A 245 16.20 16.60 -8.68
C LYS A 245 16.40 15.98 -10.07
N LEU A 246 16.35 14.65 -10.16
CA LEU A 246 16.61 13.92 -11.41
C LEU A 246 15.41 13.74 -12.33
N ALA A 247 14.20 13.79 -11.79
CA ALA A 247 12.98 13.63 -12.60
C ALA A 247 11.79 14.42 -12.02
N PRO A 248 11.88 15.78 -12.06
CA PRO A 248 10.83 16.65 -11.48
C PRO A 248 9.43 16.48 -12.09
N GLU A 249 9.36 16.01 -13.34
CA GLU A 249 8.08 15.62 -13.98
C GLU A 249 7.19 14.74 -13.11
N LEU A 250 7.80 13.86 -12.30
CA LEU A 250 7.05 12.93 -11.46
C LEU A 250 6.36 13.58 -10.27
N PHE A 251 6.78 14.80 -9.92
CA PHE A 251 6.27 15.51 -8.74
C PHE A 251 5.27 16.64 -9.06
N VAL A 252 4.80 16.72 -10.31
CA VAL A 252 3.68 17.61 -10.65
C VAL A 252 2.38 16.93 -10.17
N SER A 253 1.51 17.70 -9.52
CA SER A 253 0.30 17.13 -8.89
C SER A 253 -0.64 16.47 -9.92
N GLN A 254 -1.33 15.42 -9.49
CA GLN A 254 -2.22 14.64 -10.36
C GLN A 254 -3.68 14.96 -10.06
N PRO A 255 -4.57 14.84 -11.08
CA PRO A 255 -5.98 15.16 -10.89
C PRO A 255 -6.76 14.12 -10.06
N ASP A 256 -6.22 12.92 -9.85
CA ASP A 256 -6.89 11.86 -9.08
C ASP A 256 -5.93 10.77 -8.58
N LEU A 257 -6.48 9.80 -7.84
CA LEU A 257 -5.73 8.61 -7.40
C LEU A 257 -5.16 7.76 -8.54
N LEU A 258 -5.87 7.69 -9.67
CA LEU A 258 -5.47 6.84 -10.81
C LEU A 258 -4.41 7.48 -11.74
N HIS A 259 -3.89 8.66 -11.42
CA HIS A 259 -2.89 9.33 -12.26
C HIS A 259 -1.54 9.54 -11.52
N GLN A 260 -1.13 8.57 -10.71
CA GLN A 260 0.15 8.63 -9.98
C GLN A 260 1.30 8.27 -10.90
N LEU A 261 2.35 9.09 -10.93
CA LEU A 261 3.50 8.87 -11.82
C LEU A 261 4.65 8.24 -11.03
N VAL A 262 5.26 7.21 -11.62
CA VAL A 262 6.36 6.47 -10.97
C VAL A 262 7.41 6.14 -12.02
N THR A 263 8.57 5.72 -11.55
CA THR A 263 9.68 5.43 -12.45
C THR A 263 10.64 4.36 -11.94
N ILE A 264 11.42 3.85 -12.90
CA ILE A 264 12.58 2.98 -12.65
C ILE A 264 13.77 3.88 -12.35
N MET A 265 14.51 3.59 -11.28
CA MET A 265 15.77 4.29 -10.98
C MET A 265 16.78 3.35 -10.34
N ASN A 266 18.02 3.43 -10.83
CA ASN A 266 19.10 2.53 -10.40
C ASN A 266 19.36 2.75 -8.92
N PRO A 267 19.33 1.70 -8.10
CA PRO A 267 19.64 1.92 -6.69
C PRO A 267 21.05 2.49 -6.40
N ASN A 268 22.01 2.27 -7.30
CA ASN A 268 23.34 2.91 -7.15
C ASN A 268 23.28 4.43 -7.16
N THR A 269 22.35 5.00 -7.91
CA THR A 269 22.13 6.44 -7.88
C THR A 269 21.69 6.91 -6.49
N LEU A 270 20.77 6.17 -5.87
CA LEU A 270 20.35 6.47 -4.50
C LEU A 270 21.50 6.33 -3.52
N MET A 271 22.22 5.23 -3.65
CA MET A 271 23.37 4.96 -2.78
C MET A 271 24.46 6.03 -2.94
N THR A 272 24.66 6.53 -4.15
CA THR A 272 25.61 7.64 -4.38
C THR A 272 25.19 8.90 -3.63
N HIS A 273 23.88 9.14 -3.51
CA HIS A 273 23.36 10.24 -2.70
C HIS A 273 23.09 9.89 -1.25
N GLU A 274 23.73 8.85 -0.73
CA GLU A 274 23.64 8.45 0.68
C GLU A 274 22.26 8.00 1.17
N VAL A 275 21.42 7.52 0.25
CA VAL A 275 20.17 6.86 0.61
C VAL A 275 20.48 5.38 0.84
N PRO A 276 20.16 4.83 2.01
CA PRO A 276 20.38 3.40 2.23
C PRO A 276 19.43 2.54 1.42
N VAL A 277 19.98 1.56 0.68
CA VAL A 277 19.20 0.66 -0.14
C VAL A 277 19.61 -0.77 0.15
N TYR A 278 18.62 -1.66 0.26
CA TYR A 278 18.86 -3.10 0.47
C TYR A 278 18.21 -3.90 -0.65
N ARG A 279 18.72 -5.10 -0.91
CA ARG A 279 18.19 -5.96 -1.96
C ARG A 279 17.84 -7.34 -1.44
N THR A 280 17.09 -8.08 -2.23
CA THR A 280 16.93 -9.53 -2.03
C THR A 280 16.41 -10.16 -3.30
N ASN A 281 16.69 -11.45 -3.47
CA ASN A 281 16.01 -12.27 -4.46
C ASN A 281 14.99 -13.09 -3.69
N GLN A 282 13.72 -12.84 -3.96
CA GLN A 282 12.63 -13.58 -3.36
C GLN A 282 12.35 -14.78 -4.24
N CYS A 283 12.48 -15.98 -3.67
CA CYS A 283 12.22 -17.23 -4.37
C CYS A 283 10.83 -17.77 -4.07
N ALA A 284 10.36 -18.69 -4.91
CA ALA A 284 9.06 -19.35 -4.72
C ALA A 284 8.92 -19.87 -3.30
N GLY A 285 7.78 -19.60 -2.68
CA GLY A 285 7.53 -20.00 -1.31
C GLY A 285 8.03 -19.05 -0.23
N GLU A 286 8.58 -17.89 -0.61
CA GLU A 286 9.07 -16.90 0.35
C GLU A 286 8.18 -15.66 0.35
N PHE A 287 8.11 -15.01 1.50
CA PHE A 287 7.43 -13.72 1.68
C PHE A 287 8.43 -12.59 1.68
N VAL A 288 8.01 -11.45 1.15
CA VAL A 288 8.67 -10.18 1.41
C VAL A 288 7.63 -9.28 2.12
N ILE A 289 8.06 -8.66 3.20
CA ILE A 289 7.28 -7.68 3.94
C ILE A 289 7.88 -6.30 3.75
N THR A 290 7.04 -5.33 3.37
CA THR A 290 7.45 -3.94 3.27
C THR A 290 6.85 -3.18 4.44
N PHE A 291 7.68 -2.35 5.05
CA PHE A 291 7.29 -1.59 6.26
C PHE A 291 6.74 -0.21 5.90
N PRO A 292 6.05 0.46 6.86
CA PRO A 292 5.41 1.74 6.57
C PRO A 292 6.33 2.78 5.95
N ARG A 293 5.93 3.37 4.83
N ARG A 293 5.89 3.35 4.83
CA ARG A 293 6.69 4.44 4.14
CA ARG A 293 6.62 4.36 4.03
C ARG A 293 8.07 3.93 3.62
C ARG A 293 8.01 3.91 3.52
N ALA A 294 8.21 2.60 3.41
CA ALA A 294 9.46 2.00 2.88
C ALA A 294 9.34 1.91 1.37
N TYR A 295 10.12 2.72 0.67
CA TYR A 295 10.14 2.71 -0.77
C TYR A 295 10.70 1.38 -1.26
N HIS A 296 10.10 0.86 -2.31
CA HIS A 296 10.61 -0.38 -2.94
C HIS A 296 10.33 -0.40 -4.41
N SER A 297 11.17 -1.15 -5.13
CA SER A 297 11.08 -1.36 -6.55
C SER A 297 11.71 -2.71 -6.87
N GLY A 298 11.54 -3.17 -8.10
CA GLY A 298 12.20 -4.40 -8.50
C GLY A 298 11.80 -4.90 -9.86
N PHE A 299 12.16 -6.15 -10.13
CA PHE A 299 11.88 -6.76 -11.42
C PHE A 299 11.86 -8.27 -11.27
N ASN A 300 11.22 -8.95 -12.20
CA ASN A 300 11.12 -10.38 -12.18
C ASN A 300 12.21 -10.99 -13.04
N GLN A 301 12.75 -12.10 -12.55
CA GLN A 301 13.80 -12.86 -13.23
C GLN A 301 13.28 -13.71 -14.37
N GLY A 302 11.98 -14.01 -14.35
CA GLY A 302 11.39 -14.88 -15.34
C GLY A 302 9.92 -15.06 -15.03
N PHE A 303 9.30 -16.03 -15.70
CA PHE A 303 7.88 -16.34 -15.53
C PHE A 303 7.58 -16.69 -14.08
N ASN A 304 6.67 -15.94 -13.45
CA ASN A 304 6.33 -16.18 -12.06
C ASN A 304 4.93 -15.66 -11.67
N PHE A 305 4.54 -15.93 -10.44
CA PHE A 305 3.17 -15.65 -9.96
C PHE A 305 3.24 -15.28 -8.50
N ALA A 306 2.90 -14.02 -8.21
CA ALA A 306 2.96 -13.44 -6.90
C ALA A 306 1.60 -12.88 -6.48
N GLU A 307 1.44 -12.71 -5.17
CA GLU A 307 0.18 -12.22 -4.57
C GLU A 307 0.55 -11.33 -3.42
N ALA A 308 -0.09 -10.17 -3.32
CA ALA A 308 0.22 -9.21 -2.26
C ALA A 308 -1.05 -8.57 -1.70
N VAL A 309 -0.95 -8.13 -0.46
CA VAL A 309 -2.05 -7.44 0.24
C VAL A 309 -1.46 -6.36 1.13
N ASN A 310 -2.21 -5.24 1.26
CA ASN A 310 -1.87 -4.22 2.23
C ASN A 310 -2.24 -4.72 3.60
N PHE A 311 -1.62 -4.15 4.61
CA PHE A 311 -1.66 -4.66 5.96
C PHE A 311 -1.44 -3.51 6.92
N CYS A 312 -2.30 -3.42 7.94
CA CYS A 312 -2.36 -2.28 8.84
C CYS A 312 -2.51 -2.82 10.24
N THR A 313 -1.50 -2.59 11.05
CA THR A 313 -1.43 -3.09 12.42
C THR A 313 -1.50 -1.93 13.40
N VAL A 314 -1.50 -2.24 14.71
CA VAL A 314 -1.45 -1.19 15.74
C VAL A 314 -0.18 -0.33 15.65
N ASP A 315 0.93 -0.93 15.22
CA ASP A 315 2.17 -0.19 14.97
C ASP A 315 2.01 0.88 13.87
N TRP A 316 1.26 0.54 12.82
CA TRP A 316 1.00 1.46 11.72
C TRP A 316 0.11 2.66 12.11
N LEU A 317 -0.81 2.45 13.05
CA LEU A 317 -1.90 3.40 13.30
C LEU A 317 -1.48 4.87 13.44
N PRO A 318 -0.51 5.20 14.32
CA PRO A 318 -0.02 6.58 14.39
C PRO A 318 0.58 7.10 13.07
N LEU A 319 1.25 6.24 12.30
CA LEU A 319 1.81 6.64 11.00
C LEU A 319 0.73 6.92 9.98
N GLY A 320 -0.37 6.18 10.06
CA GLY A 320 -1.54 6.47 9.25
C GLY A 320 -2.02 7.91 9.38
N ARG A 321 -2.05 8.42 10.61
CA ARG A 321 -2.47 9.80 10.86
C ARG A 321 -1.44 10.77 10.22
N GLN A 322 -0.15 10.52 10.43
CA GLN A 322 0.91 11.35 9.79
C GLN A 322 0.81 11.34 8.26
N CYS A 323 0.47 10.19 7.68
CA CYS A 323 0.30 10.10 6.26
C CYS A 323 -0.77 11.02 5.68
N VAL A 324 -1.92 11.05 6.33
CA VAL A 324 -3.04 11.86 5.86
C VAL A 324 -2.70 13.35 6.00
N GLU A 325 -1.99 13.70 7.06
CA GLU A 325 -1.42 15.05 7.20
C GLU A 325 -0.48 15.37 6.03
N HIS A 326 0.42 14.44 5.70
CA HIS A 326 1.33 14.60 4.56
C HIS A 326 0.58 14.70 3.25
N TYR A 327 -0.44 13.86 3.04
CA TYR A 327 -1.29 13.99 1.85
C TYR A 327 -1.94 15.36 1.70
N ARG A 328 -2.35 15.93 2.84
CA ARG A 328 -2.99 17.26 2.89
C ARG A 328 -2.00 18.32 2.43
N LEU A 329 -0.81 18.29 3.03
CA LEU A 329 0.31 19.17 2.61
C LEU A 329 0.61 19.10 1.11
N LEU A 330 0.53 17.90 0.53
CA LEU A 330 0.80 17.67 -0.89
C LEU A 330 -0.41 17.79 -1.82
N HIS A 331 -1.61 17.98 -1.26
CA HIS A 331 -2.85 18.06 -2.02
C HIS A 331 -3.20 16.75 -2.73
N ARG A 332 -2.86 15.63 -2.09
CA ARG A 332 -3.06 14.31 -2.68
C ARG A 332 -4.31 13.61 -2.15
N TYR A 333 -4.98 12.87 -3.02
CA TYR A 333 -6.24 12.21 -2.69
C TYR A 333 -6.00 11.06 -1.69
N CYS A 334 -6.98 10.86 -0.79
CA CYS A 334 -6.97 9.77 0.18
C CYS A 334 -7.74 8.58 -0.38
N VAL A 335 -7.31 7.37 -0.04
CA VAL A 335 -8.13 6.18 -0.28
C VAL A 335 -9.33 6.08 0.66
N PHE A 336 -9.13 6.46 1.92
CA PHE A 336 -10.22 6.51 2.89
C PHE A 336 -9.91 7.58 3.92
N SER A 337 -10.91 7.87 4.76
CA SER A 337 -10.71 8.82 5.85
C SER A 337 -10.17 8.07 7.04
N HIS A 338 -8.98 8.46 7.50
CA HIS A 338 -8.39 7.86 8.71
C HIS A 338 -9.29 8.12 9.94
N ASP A 339 -9.79 9.34 10.08
CA ASP A 339 -10.69 9.67 11.22
C ASP A 339 -11.96 8.83 11.21
N GLU A 340 -12.52 8.59 10.02
CA GLU A 340 -13.67 7.74 9.87
C GLU A 340 -13.39 6.32 10.34
N MET A 341 -12.22 5.80 9.99
CA MET A 341 -11.81 4.47 10.44
C MET A 341 -11.74 4.43 11.98
N ILE A 342 -11.09 5.43 12.58
CA ILE A 342 -10.93 5.53 14.05
C ILE A 342 -12.31 5.55 14.73
N CYS A 343 -13.21 6.39 14.22
CA CYS A 343 -14.56 6.48 14.78
C CYS A 343 -15.38 5.22 14.60
N LYS A 344 -15.21 4.53 13.47
CA LYS A 344 -15.87 3.24 13.27
C LYS A 344 -15.39 2.24 14.32
N MET A 345 -14.09 2.18 14.54
CA MET A 345 -13.54 1.28 15.55
C MET A 345 -14.02 1.65 16.97
N ALA A 346 -14.05 2.94 17.29
CA ALA A 346 -14.61 3.40 18.58
C ALA A 346 -16.07 2.96 18.77
N SER A 347 -16.85 2.99 17.69
CA SER A 347 -18.25 2.51 17.75
C SER A 347 -18.39 0.99 17.92
N LYS A 348 -17.30 0.25 17.75
CA LYS A 348 -17.25 -1.19 17.99
C LYS A 348 -16.32 -1.53 19.15
N ALA A 349 -16.11 -0.59 20.08
CA ALA A 349 -15.14 -0.76 21.17
C ALA A 349 -15.29 -2.10 21.91
N ASP A 350 -16.53 -2.52 22.12
CA ASP A 350 -16.83 -3.76 22.86
C ASP A 350 -16.31 -5.05 22.22
N VAL A 351 -16.06 -5.04 20.91
CA VAL A 351 -15.60 -6.24 20.20
C VAL A 351 -14.18 -6.15 19.67
N LEU A 352 -13.47 -5.04 19.92
CA LEU A 352 -12.09 -4.92 19.49
C LEU A 352 -11.19 -5.76 20.36
N ASP A 353 -10.11 -6.22 19.75
CA ASP A 353 -8.95 -6.72 20.46
C ASP A 353 -8.51 -5.64 21.46
N VAL A 354 -8.11 -6.03 22.66
CA VAL A 354 -7.81 -5.07 23.73
C VAL A 354 -6.58 -4.19 23.44
N VAL A 355 -5.58 -4.73 22.74
CA VAL A 355 -4.41 -3.94 22.34
C VAL A 355 -4.78 -2.97 21.22
N VAL A 356 -5.63 -3.41 20.30
CA VAL A 356 -6.18 -2.51 19.28
C VAL A 356 -6.94 -1.36 19.96
N ALA A 357 -7.78 -1.69 20.93
CA ALA A 357 -8.59 -0.67 21.64
C ALA A 357 -7.71 0.39 22.28
N SER A 358 -6.66 -0.07 22.96
CA SER A 358 -5.70 0.81 23.61
C SER A 358 -5.01 1.77 22.63
N THR A 359 -4.64 1.22 21.47
CA THR A 359 -3.98 2.01 20.43
C THR A 359 -4.94 3.00 19.77
N VAL A 360 -6.18 2.58 19.51
CA VAL A 360 -7.16 3.48 18.92
C VAL A 360 -7.46 4.64 19.90
N GLN A 361 -7.52 4.31 21.19
CA GLN A 361 -7.80 5.31 22.23
C GLN A 361 -6.80 6.45 22.18
N LYS A 362 -5.51 6.10 22.06
CA LYS A 362 -4.44 7.09 21.94
C LYS A 362 -4.51 7.96 20.70
N ASP A 363 -4.82 7.36 19.56
CA ASP A 363 -4.96 8.11 18.32
C ASP A 363 -6.22 9.01 18.42
N MET A 364 -7.28 8.49 19.03
CA MET A 364 -8.50 9.27 19.18
C MET A 364 -8.27 10.50 20.05
N ALA A 365 -7.46 10.38 21.09
CA ALA A 365 -7.14 11.52 21.96
C ALA A 365 -6.45 12.64 21.18
N ILE A 366 -5.54 12.28 20.28
CA ILE A 366 -4.88 13.25 19.41
C ILE A 366 -5.90 13.90 18.48
N MET A 367 -6.74 13.08 17.86
CA MET A 367 -7.78 13.55 16.94
C MET A 367 -8.70 14.58 17.62
N ILE A 368 -9.12 14.29 18.84
CA ILE A 368 -10.08 15.16 19.56
C ILE A 368 -9.44 16.51 19.89
N GLU A 369 -8.21 16.49 20.40
CA GLU A 369 -7.52 17.74 20.72
C GLU A 369 -7.23 18.58 19.48
N ASP A 370 -6.86 17.95 18.36
CA ASP A 370 -6.69 18.66 17.12
C ASP A 370 -8.01 19.25 16.62
N GLU A 371 -9.09 18.49 16.73
CA GLU A 371 -10.40 18.95 16.26
C GLU A 371 -10.91 20.14 17.08
N LYS A 372 -10.72 20.06 18.38
CA LYS A 372 -11.06 21.13 19.30
C LYS A 372 -10.38 22.45 18.88
N ALA A 373 -9.07 22.39 18.62
CA ALA A 373 -8.30 23.55 18.18
C ALA A 373 -8.76 24.07 16.82
N LEU A 374 -9.03 23.19 15.87
CA LEU A 374 -9.52 23.63 14.57
C LEU A 374 -10.90 24.31 14.65
N ARG A 375 -11.79 23.82 15.50
CA ARG A 375 -13.13 24.41 15.65
C ARG A 375 -13.07 25.79 16.32
N GLU A 376 -12.24 25.92 17.35
CA GLU A 376 -11.95 27.24 17.96
C GLU A 376 -11.43 28.24 16.93
N THR A 377 -10.50 27.80 16.09
CA THR A 377 -9.96 28.62 15.00
C THR A 377 -10.99 29.10 13.98
N VAL A 378 -11.85 28.21 13.48
CA VAL A 378 -12.84 28.64 12.47
C VAL A 378 -13.94 29.52 13.11
N ARG A 379 -14.25 29.28 14.38
CA ARG A 379 -15.18 30.16 15.13
C ARG A 379 -14.65 31.61 15.21
N LYS A 380 -13.36 31.74 15.50
CA LYS A 380 -12.69 33.05 15.51
C LYS A 380 -12.65 33.71 14.15
N LEU A 381 -12.80 32.93 13.08
CA LEU A 381 -12.93 33.49 11.74
C LEU A 381 -14.35 33.93 11.40
N GLY A 382 -15.29 33.72 12.32
CA GLY A 382 -16.66 34.20 12.15
C GLY A 382 -17.61 33.19 11.56
N VAL A 383 -17.23 31.91 11.57
CA VAL A 383 -18.16 30.84 11.18
C VAL A 383 -18.96 30.55 12.43
N ILE A 384 -20.25 30.89 12.39
CA ILE A 384 -21.11 30.78 13.56
C ILE A 384 -22.13 29.67 13.38
N ASP A 385 -22.78 29.65 12.23
CA ASP A 385 -23.82 28.65 11.95
C ASP A 385 -23.18 27.24 11.89
N SER A 386 -23.92 26.23 12.35
CA SER A 386 -23.44 24.85 12.28
C SER A 386 -24.59 23.86 12.20
N GLU A 387 -24.30 22.67 11.69
CA GLU A 387 -25.28 21.61 11.51
C GLU A 387 -24.57 20.27 11.45
N ARG A 388 -25.10 19.27 12.14
N ARG A 388 -25.11 19.27 12.13
CA ARG A 388 -24.56 17.92 12.09
CA ARG A 388 -24.55 17.92 12.10
C ARG A 388 -24.66 17.37 10.67
C ARG A 388 -24.66 17.37 10.67
N MET A 389 -23.67 16.58 10.26
CA MET A 389 -23.70 15.95 8.94
C MET A 389 -23.06 14.58 8.99
N ASP A 390 -23.77 13.56 8.49
CA ASP A 390 -23.27 12.17 8.40
C ASP A 390 -22.38 12.01 7.19
N PHE A 391 -21.15 12.54 7.30
CA PHE A 391 -20.15 12.52 6.24
C PHE A 391 -19.97 11.14 5.61
N GLU A 392 -20.03 10.09 6.44
CA GLU A 392 -19.83 8.73 5.91
C GLU A 392 -20.80 8.32 4.80
N LEU A 393 -21.98 8.96 4.72
CA LEU A 393 -22.96 8.65 3.69
C LEU A 393 -22.63 9.25 2.31
N LEU A 394 -21.76 10.26 2.27
CA LEU A 394 -21.44 10.94 1.02
C LEU A 394 -20.40 10.14 0.28
N PRO A 395 -20.60 9.93 -1.04
CA PRO A 395 -19.48 9.39 -1.82
C PRO A 395 -18.24 10.27 -1.62
N ASP A 396 -17.06 9.67 -1.68
CA ASP A 396 -15.80 10.40 -1.43
C ASP A 396 -15.66 11.69 -2.27
N ASP A 397 -16.02 11.63 -3.54
CA ASP A 397 -15.89 12.79 -4.43
C ASP A 397 -16.81 13.96 -4.08
N GLU A 398 -17.83 13.73 -3.23
CA GLU A 398 -18.68 14.79 -2.71
C GLU A 398 -18.23 15.34 -1.34
N ARG A 399 -17.13 14.83 -0.77
CA ARG A 399 -16.64 15.34 0.51
C ARG A 399 -15.13 15.54 0.54
N GLN A 400 -14.58 15.96 -0.59
CA GLN A 400 -13.17 16.34 -0.66
C GLN A 400 -13.00 17.84 -0.51
N CYS A 401 -12.00 18.26 0.26
CA CYS A 401 -11.63 19.68 0.40
C CYS A 401 -11.27 20.25 -0.98
N VAL A 402 -11.93 21.35 -1.36
CA VAL A 402 -11.66 22.04 -2.64
C VAL A 402 -10.17 22.32 -2.86
N LYS A 403 -9.50 22.70 -1.78
CA LYS A 403 -8.09 23.06 -1.81
C LYS A 403 -7.15 21.82 -1.76
N CYS A 404 -7.17 21.11 -0.64
CA CYS A 404 -6.16 20.07 -0.37
C CYS A 404 -6.58 18.64 -0.72
N LYS A 405 -7.82 18.47 -1.15
CA LYS A 405 -8.38 17.19 -1.59
C LYS A 405 -8.56 16.12 -0.49
N THR A 406 -8.32 16.45 0.77
CA THR A 406 -8.51 15.48 1.86
C THR A 406 -9.99 15.04 1.91
N THR A 407 -10.24 13.79 2.31
CA THR A 407 -11.60 13.31 2.43
C THR A 407 -12.06 13.75 3.82
N CYS A 408 -13.13 14.55 3.85
CA CYS A 408 -13.62 15.10 5.11
C CYS A 408 -14.40 14.04 5.87
N PHE A 409 -14.36 14.13 7.19
CA PHE A 409 -15.19 13.28 8.04
C PHE A 409 -15.56 13.97 9.36
N MET A 410 -14.58 14.40 10.13
CA MET A 410 -14.88 15.03 11.41
C MET A 410 -15.67 16.34 11.20
N SER A 411 -15.22 17.15 10.25
CA SER A 411 -15.88 18.44 9.95
C SER A 411 -15.47 19.03 8.63
N ALA A 412 -16.26 19.99 8.17
CA ALA A 412 -15.95 20.76 6.98
C ALA A 412 -16.76 22.05 7.03
N ILE A 413 -16.42 22.97 6.15
CA ILE A 413 -17.14 24.24 6.00
C ILE A 413 -17.82 24.25 4.64
N SER A 414 -19.10 24.64 4.64
CA SER A 414 -19.87 24.88 3.43
C SER A 414 -20.28 26.36 3.36
N CYS A 415 -20.68 26.79 2.17
CA CYS A 415 -21.02 28.19 1.88
C CYS A 415 -22.29 28.12 1.03
N SER A 416 -23.36 28.81 1.44
CA SER A 416 -24.59 28.89 0.62
C SER A 416 -24.32 29.47 -0.79
N CYS A 417 -23.33 30.35 -0.91
CA CYS A 417 -22.90 30.90 -2.18
C CYS A 417 -22.33 29.88 -3.17
N LYS A 418 -21.65 28.85 -2.65
CA LYS A 418 -21.05 27.81 -3.48
C LYS A 418 -21.62 26.44 -3.08
N PRO A 419 -22.86 26.14 -3.51
CA PRO A 419 -23.52 24.89 -3.09
C PRO A 419 -22.80 23.62 -3.52
N GLY A 420 -22.71 22.66 -2.61
CA GLY A 420 -22.01 21.40 -2.87
C GLY A 420 -20.54 21.39 -2.50
N LEU A 421 -19.88 22.55 -2.49
CA LEU A 421 -18.45 22.61 -2.19
C LEU A 421 -18.18 22.53 -0.70
N LEU A 422 -17.05 21.92 -0.35
CA LEU A 422 -16.59 21.84 1.03
C LEU A 422 -15.11 22.12 1.08
N VAL A 423 -14.67 22.68 2.21
CA VAL A 423 -13.26 22.73 2.57
C VAL A 423 -13.12 22.13 3.94
N CYS A 424 -11.93 21.56 4.19
CA CYS A 424 -11.57 21.15 5.53
C CYS A 424 -11.26 22.39 6.37
N LEU A 425 -11.12 22.21 7.66
CA LEU A 425 -10.98 23.34 8.57
C LEU A 425 -9.62 24.06 8.50
N HIS A 426 -8.64 23.49 7.80
CA HIS A 426 -7.40 24.20 7.50
C HIS A 426 -7.54 25.24 6.38
N HIS A 427 -8.58 25.12 5.56
CA HIS A 427 -8.73 25.90 4.33
C HIS A 427 -10.05 26.68 4.22
N VAL A 428 -10.50 27.21 5.35
CA VAL A 428 -11.73 28.03 5.42
C VAL A 428 -11.70 29.18 4.39
N LYS A 429 -10.56 29.84 4.27
CA LYS A 429 -10.38 30.97 3.33
C LYS A 429 -10.44 30.65 1.84
N GLU A 430 -10.45 29.35 1.46
CA GLU A 430 -10.39 28.94 0.05
C GLU A 430 -11.74 28.56 -0.56
N LEU A 431 -12.83 28.67 0.21
CA LEU A 431 -14.12 28.12 -0.21
C LEU A 431 -14.91 29.00 -1.19
N CYS A 432 -15.10 30.27 -0.83
CA CYS A 432 -15.98 31.17 -1.60
C CYS A 432 -15.61 32.63 -1.38
N SER A 433 -16.20 33.49 -2.20
CA SER A 433 -15.98 34.93 -2.11
C SER A 433 -16.76 35.62 -0.97
N CYS A 434 -17.76 34.95 -0.39
CA CYS A 434 -18.72 35.56 0.54
C CYS A 434 -18.19 35.80 1.96
N PRO A 435 -18.85 36.66 2.74
CA PRO A 435 -18.43 36.90 4.12
C PRO A 435 -18.67 35.70 5.05
N PRO A 436 -17.95 35.62 6.18
CA PRO A 436 -17.91 34.42 7.01
C PRO A 436 -19.23 34.02 7.65
N TYR A 437 -20.11 35.00 7.90
CA TYR A 437 -21.44 34.69 8.44
C TYR A 437 -22.32 33.86 7.51
N LYS A 438 -21.99 33.81 6.23
CA LYS A 438 -22.68 32.95 5.26
C LYS A 438 -22.19 31.47 5.26
N TYR A 439 -21.23 31.14 6.10
CA TYR A 439 -20.63 29.80 6.13
C TYR A 439 -21.35 28.97 7.16
N LYS A 440 -21.19 27.65 7.07
CA LYS A 440 -21.70 26.77 8.09
C LYS A 440 -20.66 25.70 8.42
N LEU A 441 -20.45 25.44 9.71
CA LEU A 441 -19.66 24.29 10.14
C LEU A 441 -20.53 23.04 10.05
N ARG A 442 -20.13 22.09 9.20
CA ARG A 442 -20.78 20.78 9.17
C ARG A 442 -19.88 19.82 9.96
N TYR A 443 -20.44 19.13 10.94
CA TYR A 443 -19.64 18.31 11.85
C TYR A 443 -20.28 16.95 12.03
N ARG A 444 -19.47 15.91 12.21
CA ARG A 444 -20.03 14.59 12.45
C ARG A 444 -20.50 14.41 13.89
N TYR A 445 -19.66 14.85 14.81
CA TYR A 445 -19.87 14.67 16.23
C TYR A 445 -19.60 15.98 16.96
N THR A 446 -20.35 16.22 18.04
CA THR A 446 -19.98 17.27 18.99
C THR A 446 -18.80 16.75 19.77
N LEU A 447 -18.02 17.67 20.33
CA LEU A 447 -16.95 17.27 21.24
C LEU A 447 -17.47 16.43 22.40
N ASP A 448 -18.65 16.75 22.92
CA ASP A 448 -19.30 15.91 23.95
C ASP A 448 -19.69 14.50 23.50
N ASP A 449 -19.98 14.28 22.21
CA ASP A 449 -20.20 12.93 21.67
C ASP A 449 -18.89 12.11 21.67
N LEU A 450 -17.77 12.79 21.45
CA LEU A 450 -16.49 12.12 21.23
C LEU A 450 -15.88 11.55 22.51
N TYR A 451 -15.97 12.27 23.62
CA TYR A 451 -15.35 11.80 24.88
C TYR A 451 -15.85 10.43 25.37
N PRO A 452 -17.18 10.17 25.34
CA PRO A 452 -17.65 8.82 25.69
C PRO A 452 -17.20 7.71 24.71
N MET A 453 -17.04 8.05 23.43
CA MET A 453 -16.55 7.04 22.47
C MET A 453 -15.13 6.63 22.88
N MET A 454 -14.31 7.62 23.22
CA MET A 454 -12.96 7.36 23.68
C MET A 454 -12.92 6.60 25.01
N ASN A 455 -13.83 6.93 25.94
CA ASN A 455 -13.93 6.18 27.20
C ASN A 455 -14.30 4.73 27.06
N ALA A 456 -15.14 4.41 26.08
CA ALA A 456 -15.49 3.03 25.78
C ALA A 456 -14.24 2.25 25.39
N LEU A 457 -13.38 2.85 24.56
CA LEU A 457 -12.10 2.20 24.20
C LEU A 457 -11.22 1.96 25.42
N LYS A 458 -11.18 2.94 26.33
CA LYS A 458 -10.41 2.82 27.55
C LYS A 458 -10.93 1.67 28.42
N LEU A 459 -12.23 1.59 28.60
CA LEU A 459 -12.83 0.47 29.32
C LEU A 459 -12.52 -0.88 28.69
N ARG A 460 -12.60 -0.96 27.36
CA ARG A 460 -12.23 -2.18 26.67
C ARG A 460 -10.75 -2.50 26.87
N ALA A 461 -9.90 -1.49 26.76
CA ALA A 461 -8.47 -1.67 26.94
C ALA A 461 -8.09 -2.11 28.38
N GLU A 462 -8.92 -1.71 29.36
CA GLU A 462 -8.76 -1.93 30.81
C GLU A 462 -7.68 -1.01 31.36
#